data_3UPA
#
_entry.id   3UPA
#
_cell.length_a   45.040
_cell.length_b   45.040
_cell.length_c   173.240
_cell.angle_alpha   90.000
_cell.angle_beta   90.000
_cell.angle_gamma   90.000
#
_symmetry.space_group_name_H-M   'P 43 21 2'
#
loop_
_entity.id
_entity.type
_entity.pdbx_description
1 polymer 'kappa light chain variable domain'
2 water water
#
_entity_poly.entity_id   1
_entity_poly.type   'polypeptide(L)'
_entity_poly.pdbx_seq_one_letter_code
;DIQMTQSPSSLSASVGDRVTITCRASQSISSYLNWYQQKPGKAPKLLIYDADDLQSGVPSRFSGSGSGTDFTLTISSLQP
EDFATYYCQQSYSTPNTFGQGTKVEIK
;
_entity_poly.pdbx_strand_id   A,B
#
# COMPACT_ATOMS: atom_id res chain seq x y z
N ASP A 1 6.31 -16.52 -3.27
CA ASP A 1 5.31 -15.71 -2.50
C ASP A 1 5.58 -15.76 -1.00
N ILE A 2 5.36 -14.63 -0.32
CA ILE A 2 5.46 -14.53 1.14
C ILE A 2 4.14 -14.01 1.73
N GLN A 3 3.59 -14.74 2.71
CA GLN A 3 2.35 -14.33 3.40
C GLN A 3 2.64 -13.61 4.73
N MET A 4 1.95 -12.49 4.91
CA MET A 4 2.16 -11.63 6.08
C MET A 4 0.87 -11.70 6.93
N THR A 5 1.02 -12.09 8.20
CA THR A 5 -0.10 -12.21 9.12
C THR A 5 -0.01 -11.14 10.19
N GLN A 6 -0.99 -10.24 10.22
CA GLN A 6 -1.06 -9.16 11.21
C GLN A 6 -2.02 -9.46 12.33
N SER A 7 -1.65 -9.04 13.53
CA SER A 7 -2.49 -9.20 14.73
C SER A 7 -2.31 -8.01 15.67
N PRO A 8 -3.39 -7.61 16.39
CA PRO A 8 -4.77 -8.02 16.19
C PRO A 8 -5.37 -7.37 14.93
N SER A 9 -6.60 -7.75 14.61
CA SER A 9 -7.30 -7.20 13.45
C SER A 9 -7.78 -5.77 13.71
N SER A 10 -8.18 -5.50 14.95
CA SER A 10 -8.55 -4.14 15.37
C SER A 10 -8.26 -4.01 16.85
N LEU A 11 -8.03 -2.79 17.30
CA LEU A 11 -7.86 -2.51 18.73
C LEU A 11 -8.43 -1.16 19.12
N SER A 12 -8.71 -1.04 20.43
CA SER A 12 -9.37 0.13 21.00
C SER A 12 -8.38 0.81 21.89
N ALA A 13 -8.19 2.10 21.72
CA ALA A 13 -7.31 2.88 22.59
C ALA A 13 -7.78 4.33 22.67
N SER A 14 -7.37 5.00 23.73
CA SER A 14 -7.67 6.42 23.92
C SER A 14 -6.42 7.20 23.59
N VAL A 15 -6.58 8.50 23.33
CA VAL A 15 -5.43 9.39 23.18
C VAL A 15 -4.52 9.27 24.40
N GLY A 16 -3.22 9.20 24.15
CA GLY A 16 -2.23 9.03 25.21
C GLY A 16 -1.78 7.61 25.47
N ASP A 17 -2.53 6.63 24.94
CA ASP A 17 -2.25 5.21 25.20
C ASP A 17 -1.12 4.71 24.32
N ARG A 18 -0.48 3.64 24.75
CA ARG A 18 0.57 2.97 23.98
C ARG A 18 -0.05 1.76 23.32
N VAL A 19 0.26 1.54 22.05
CA VAL A 19 -0.26 0.38 21.32
C VAL A 19 0.83 -0.38 20.59
N THR A 20 0.64 -1.70 20.53
CA THR A 20 1.56 -2.61 19.85
C THR A 20 0.82 -3.44 18.81
N ILE A 21 1.42 -3.58 17.63
CA ILE A 21 0.85 -4.33 16.53
C ILE A 21 1.91 -5.30 16.06
N THR A 22 1.49 -6.52 15.75
CA THR A 22 2.43 -7.55 15.39
C THR A 22 2.23 -7.98 13.95
N CYS A 23 3.32 -8.40 13.33
CA CYS A 23 3.32 -8.89 11.98
CA CYS A 23 3.30 -8.95 11.97
C CYS A 23 4.25 -10.11 11.90
N ARG A 24 3.74 -11.23 11.39
CA ARG A 24 4.55 -12.44 11.21
C ARG A 24 4.67 -12.71 9.71
N ALA A 25 5.90 -12.92 9.24
CA ALA A 25 6.12 -13.33 7.86
C ALA A 25 6.20 -14.85 7.79
N SER A 26 5.80 -15.41 6.67
CA SER A 26 5.73 -16.87 6.54
C SER A 26 7.09 -17.54 6.35
N GLN A 27 8.09 -16.76 5.94
CA GLN A 27 9.48 -17.20 5.90
C GLN A 27 10.35 -15.98 6.20
N SER A 28 11.65 -16.16 6.38
CA SER A 28 12.47 -14.99 6.78
C SER A 28 12.52 -13.91 5.71
N ILE A 29 12.49 -12.66 6.15
CA ILE A 29 12.60 -11.50 5.29
C ILE A 29 13.63 -10.52 5.86
N SER A 30 14.58 -11.06 6.64
CA SER A 30 15.53 -10.27 7.45
C SER A 30 14.88 -8.98 7.97
N SER A 31 15.30 -7.84 7.46
CA SER A 31 14.76 -6.57 7.95
C SER A 31 14.01 -5.83 6.85
N TYR A 32 13.60 -6.55 5.82
CA TYR A 32 12.88 -5.93 4.72
C TYR A 32 11.39 -5.91 5.02
N LEU A 33 11.05 -5.10 6.00
CA LEU A 33 9.69 -5.02 6.51
C LEU A 33 9.36 -3.54 6.68
N ASN A 34 8.24 -3.12 6.11
CA ASN A 34 7.82 -1.74 6.12
C ASN A 34 6.52 -1.58 6.84
N TRP A 35 6.36 -0.47 7.55
CA TRP A 35 5.09 -0.10 8.15
C TRP A 35 4.47 1.10 7.46
N TYR A 36 3.22 0.93 7.05
CA TYR A 36 2.40 1.93 6.39
C TYR A 36 1.21 2.28 7.29
N GLN A 37 0.79 3.54 7.19
CA GLN A 37 -0.41 4.08 7.86
C GLN A 37 -1.41 4.45 6.77
N GLN A 38 -2.67 4.04 6.92
CA GLN A 38 -3.69 4.45 5.94
C GLN A 38 -4.93 5.02 6.61
N LYS A 39 -5.24 6.26 6.27
CA LYS A 39 -6.48 6.92 6.65
C LYS A 39 -7.57 6.56 5.63
N PRO A 40 -8.84 6.47 6.07
CA PRO A 40 -9.91 6.09 5.14
C PRO A 40 -10.05 7.06 3.95
N GLY A 41 -10.13 6.50 2.74
CA GLY A 41 -10.20 7.30 1.53
C GLY A 41 -8.86 7.72 0.95
N LYS A 42 -7.79 7.57 1.74
CA LYS A 42 -6.46 8.05 1.36
C LYS A 42 -5.50 6.89 1.06
N ALA A 43 -4.36 7.22 0.47
CA ALA A 43 -3.36 6.23 0.14
C ALA A 43 -2.53 5.91 1.39
N PRO A 44 -1.93 4.71 1.42
CA PRO A 44 -0.98 4.34 2.47
C PRO A 44 0.27 5.24 2.41
N LYS A 45 0.72 5.66 3.59
CA LYS A 45 1.94 6.46 3.75
C LYS A 45 2.94 5.63 4.55
N LEU A 46 4.18 5.57 4.06
CA LEU A 46 5.26 4.85 4.72
C LEU A 46 5.71 5.53 6.02
N LEU A 47 5.77 4.77 7.11
CA LEU A 47 6.28 5.29 8.40
C LEU A 47 7.66 4.72 8.76
N ILE A 48 7.83 3.41 8.59
CA ILE A 48 9.08 2.74 8.95
C ILE A 48 9.48 1.81 7.82
N TYR A 49 10.76 1.75 7.51
CA TYR A 49 11.27 0.74 6.59
C TYR A 49 12.51 0.06 7.18
N ASP A 50 13.04 -0.96 6.52
CA ASP A 50 14.16 -1.73 7.09
C ASP A 50 13.86 -2.25 8.52
N ALA A 51 12.58 -2.53 8.80
CA ALA A 51 12.10 -3.09 10.09
C ALA A 51 12.05 -2.06 11.21
N ASP A 52 13.10 -1.27 11.36
CA ASP A 52 13.16 -0.33 12.47
C ASP A 52 13.76 1.03 12.09
N ASP A 53 13.88 1.32 10.78
CA ASP A 53 14.43 2.61 10.32
C ASP A 53 13.25 3.57 10.17
N LEU A 54 13.06 4.40 11.19
CA LEU A 54 12.04 5.43 11.17
C LEU A 54 12.39 6.42 10.08
N GLN A 55 11.46 6.62 9.15
CA GLN A 55 11.69 7.53 8.03
C GLN A 55 11.86 8.95 8.55
N SER A 56 12.77 9.72 7.94
CA SER A 56 12.98 11.10 8.36
C SER A 56 11.64 11.85 8.32
N GLY A 57 11.39 12.65 9.35
CA GLY A 57 10.14 13.39 9.46
C GLY A 57 8.92 12.63 9.96
N VAL A 58 9.08 11.34 10.29
CA VAL A 58 8.02 10.60 10.98
C VAL A 58 8.27 10.65 12.51
N PRO A 59 7.23 11.01 13.29
CA PRO A 59 7.42 11.17 14.74
C PRO A 59 7.99 9.95 15.48
N SER A 60 8.70 10.23 16.58
CA SER A 60 9.45 9.23 17.32
C SER A 60 8.59 8.32 18.18
N ARG A 61 7.33 8.70 18.37
CA ARG A 61 6.36 7.81 19.00
C ARG A 61 6.10 6.53 18.20
N PHE A 62 6.45 6.53 16.91
CA PHE A 62 6.38 5.32 16.10
C PHE A 62 7.73 4.62 16.12
N SER A 63 7.72 3.33 16.45
CA SER A 63 8.96 2.53 16.39
C SER A 63 8.68 1.11 15.92
N GLY A 64 9.60 0.58 15.13
CA GLY A 64 9.50 -0.79 14.65
C GLY A 64 10.60 -1.63 15.29
N SER A 65 10.30 -2.92 15.47
CA SER A 65 11.29 -3.87 15.94
C SER A 65 11.09 -5.21 15.24
N GLY A 66 12.13 -6.03 15.27
CA GLY A 66 12.07 -7.34 14.68
C GLY A 66 13.00 -7.51 13.50
N SER A 67 13.34 -8.76 13.27
CA SER A 67 14.24 -9.18 12.23
C SER A 67 13.84 -10.62 11.96
N GLY A 68 13.85 -11.04 10.70
CA GLY A 68 13.57 -12.42 10.37
C GLY A 68 12.12 -12.65 10.01
N THR A 69 11.33 -13.13 10.98
CA THR A 69 9.90 -13.44 10.74
C THR A 69 8.91 -12.75 11.67
N ASP A 70 9.39 -12.14 12.76
CA ASP A 70 8.50 -11.55 13.77
C ASP A 70 8.79 -10.08 13.97
N PHE A 71 7.77 -9.25 13.76
CA PHE A 71 7.96 -7.80 13.77
C PHE A 71 6.87 -7.14 14.60
N THR A 72 7.20 -6.00 15.19
CA THR A 72 6.25 -5.26 15.97
C THR A 72 6.33 -3.78 15.57
N LEU A 73 5.18 -3.12 15.55
CA LEU A 73 5.12 -1.66 15.48
C LEU A 73 4.55 -1.19 16.81
N THR A 74 5.29 -0.35 17.51
CA THR A 74 4.78 0.28 18.73
C THR A 74 4.52 1.77 18.54
N ILE A 75 3.36 2.21 19.02
CA ILE A 75 3.04 3.62 19.09
C ILE A 75 3.04 3.92 20.58
N SER A 76 4.05 4.67 21.02
CA SER A 76 4.32 4.74 22.45
C SER A 76 3.36 5.66 23.19
N SER A 77 2.74 6.61 22.48
CA SER A 77 1.82 7.58 23.08
C SER A 77 0.92 8.14 21.99
N LEU A 78 -0.29 7.60 21.86
CA LEU A 78 -1.18 7.89 20.72
C LEU A 78 -1.65 9.33 20.70
N GLN A 79 -1.54 9.96 19.53
CA GLN A 79 -2.18 11.26 19.29
C GLN A 79 -3.40 11.00 18.42
N PRO A 80 -4.39 11.90 18.44
CA PRO A 80 -5.61 11.63 17.69
C PRO A 80 -5.42 11.45 16.18
N GLU A 81 -4.34 12.03 15.64
CA GLU A 81 -4.03 11.86 14.23
C GLU A 81 -3.58 10.44 13.90
N ASP A 82 -3.35 9.62 14.93
CA ASP A 82 -2.76 8.28 14.73
C ASP A 82 -3.82 7.22 14.54
N PHE A 83 -5.09 7.56 14.75
CA PHE A 83 -6.13 6.57 14.57
C PHE A 83 -6.27 6.38 13.06
N ALA A 84 -6.12 5.13 12.62
CA ALA A 84 -5.87 4.73 11.24
C ALA A 84 -5.76 3.21 11.16
N THR A 85 -5.60 2.68 9.95
CA THR A 85 -5.27 1.29 9.75
C THR A 85 -3.78 1.21 9.43
N TYR A 86 -3.10 0.27 10.07
CA TYR A 86 -1.67 0.12 9.89
C TYR A 86 -1.47 -1.21 9.19
N TYR A 87 -0.56 -1.19 8.21
CA TYR A 87 -0.19 -2.40 7.45
C TYR A 87 1.29 -2.61 7.59
N CYS A 88 1.70 -3.87 7.70
CA CYS A 88 3.09 -4.22 7.44
CA CYS A 88 3.09 -4.20 7.43
C CYS A 88 3.14 -4.68 6.01
N GLN A 89 4.33 -4.57 5.40
CA GLN A 89 4.54 -4.96 4.02
C GLN A 89 5.99 -5.49 3.89
N GLN A 90 6.14 -6.70 3.42
CA GLN A 90 7.50 -7.19 3.14
C GLN A 90 8.01 -6.68 1.78
N SER A 91 9.29 -6.29 1.74
CA SER A 91 9.92 -5.82 0.51
C SER A 91 11.14 -6.69 0.19
N TYR A 92 11.13 -7.93 0.70
CA TYR A 92 12.19 -8.89 0.41
C TYR A 92 12.05 -9.46 -0.97
N SER A 93 10.84 -9.89 -1.31
CA SER A 93 10.55 -10.61 -2.55
C SER A 93 9.41 -9.96 -3.31
N THR A 94 9.46 -10.07 -4.64
CA THR A 94 8.36 -9.68 -5.50
C THR A 94 7.41 -10.88 -5.71
N PRO A 95 6.10 -10.68 -5.54
CA PRO A 95 5.44 -9.41 -5.22
C PRO A 95 5.61 -9.01 -3.76
N ASN A 96 5.86 -7.72 -3.53
CA ASN A 96 5.79 -7.21 -2.19
C ASN A 96 4.37 -7.47 -1.72
N THR A 97 4.21 -7.92 -0.48
CA THR A 97 2.91 -8.27 0.04
C THR A 97 2.65 -7.59 1.37
N PHE A 98 1.38 -7.24 1.55
CA PHE A 98 0.89 -6.57 2.74
C PHE A 98 0.21 -7.57 3.70
N GLY A 99 0.33 -7.32 5.00
CA GLY A 99 -0.57 -7.90 6.01
C GLY A 99 -2.02 -7.43 5.84
N GLN A 100 -2.95 -8.05 6.57
CA GLN A 100 -4.39 -7.75 6.47
C GLN A 100 -4.81 -6.43 7.10
N GLY A 101 -3.92 -5.87 7.91
CA GLY A 101 -4.10 -4.56 8.52
C GLY A 101 -4.66 -4.69 9.91
N THR A 102 -4.31 -3.70 10.74
CA THR A 102 -4.84 -3.55 12.10
C THR A 102 -5.44 -2.15 12.19
N LYS A 103 -6.74 -2.05 12.48
CA LYS A 103 -7.43 -0.78 12.63
C LYS A 103 -7.31 -0.35 14.08
N VAL A 104 -6.69 0.80 14.28
CA VAL A 104 -6.60 1.37 15.61
C VAL A 104 -7.73 2.39 15.75
N GLU A 105 -8.69 2.08 16.61
CA GLU A 105 -9.96 2.80 16.71
C GLU A 105 -10.11 3.51 18.07
N ILE A 106 -10.76 4.68 18.04
CA ILE A 106 -10.87 5.54 19.21
C ILE A 106 -11.85 4.98 20.26
N LYS A 107 -11.47 5.07 21.54
CA LYS A 107 -12.29 4.57 22.66
C LYS A 107 -12.95 5.69 23.45
N ASP B 1 10.38 12.37 -1.83
CA ASP B 1 10.60 13.60 -2.65
C ASP B 1 9.97 13.46 -4.05
N ILE B 2 9.62 12.24 -4.46
CA ILE B 2 8.85 12.10 -5.70
C ILE B 2 7.37 12.02 -5.37
N GLN B 3 6.60 12.91 -5.99
CA GLN B 3 5.15 12.95 -5.82
C GLN B 3 4.46 12.28 -7.00
N MET B 4 3.48 11.44 -6.69
CA MET B 4 2.69 10.76 -7.71
C MET B 4 1.29 11.37 -7.78
N THR B 5 0.88 11.73 -8.99
CA THR B 5 -0.42 12.34 -9.23
C THR B 5 -1.23 11.38 -10.12
N GLN B 6 -2.32 10.86 -9.55
CA GLN B 6 -3.24 9.94 -10.17
C GLN B 6 -4.55 10.61 -10.60
N SER B 7 -5.02 10.30 -11.82
CA SER B 7 -6.36 10.74 -12.25
C SER B 7 -7.17 9.65 -12.96
N PRO B 8 -8.49 9.61 -12.73
CA PRO B 8 -9.32 10.49 -11.89
C PRO B 8 -9.31 10.05 -10.42
N SER B 9 -9.84 10.86 -9.52
CA SER B 9 -9.95 10.47 -8.11
C SER B 9 -10.98 9.33 -7.96
N SER B 10 -12.05 9.41 -8.73
CA SER B 10 -13.06 8.38 -8.72
C SER B 10 -13.52 8.13 -10.14
N LEU B 11 -14.03 6.93 -10.38
CA LEU B 11 -14.60 6.57 -11.66
C LEU B 11 -15.83 5.69 -11.41
N SER B 12 -17.01 6.17 -11.80
CA SER B 12 -18.23 5.38 -11.76
C SER B 12 -18.22 4.47 -12.98
N ALA B 13 -18.44 3.15 -12.79
CA ALA B 13 -18.41 2.19 -13.90
C ALA B 13 -19.49 1.11 -13.81
N SER B 14 -19.84 0.54 -14.97
CA SER B 14 -20.65 -0.71 -15.10
C SER B 14 -19.76 -1.84 -15.60
N VAL B 15 -20.13 -3.07 -15.25
CA VAL B 15 -19.42 -4.27 -15.73
C VAL B 15 -19.41 -4.24 -17.26
N GLY B 16 -18.25 -4.48 -17.86
CA GLY B 16 -18.06 -4.33 -19.31
C GLY B 16 -17.40 -3.01 -19.74
N ASP B 17 -17.45 -1.97 -18.91
CA ASP B 17 -16.77 -0.72 -19.25
C ASP B 17 -15.26 -0.95 -19.41
N ARG B 18 -14.68 -0.32 -20.43
CA ARG B 18 -13.22 -0.18 -20.45
C ARG B 18 -12.85 0.87 -19.39
N VAL B 19 -11.84 0.59 -18.57
CA VAL B 19 -11.37 1.53 -17.54
C VAL B 19 -9.93 1.89 -17.82
N THR B 20 -9.63 3.20 -17.83
CA THR B 20 -8.28 3.71 -18.06
C THR B 20 -7.91 4.72 -16.99
N ILE B 21 -6.83 4.42 -16.25
CA ILE B 21 -6.37 5.19 -15.12
C ILE B 21 -4.96 5.69 -15.44
N THR B 22 -4.66 6.92 -15.05
CA THR B 22 -3.32 7.47 -15.25
C THR B 22 -2.62 7.88 -13.97
N CYS B 23 -1.30 8.01 -14.10
CA CYS B 23 -0.41 8.41 -13.01
CA CYS B 23 -0.40 8.32 -13.02
C CYS B 23 0.82 9.12 -13.56
N ARG B 24 1.13 10.26 -12.95
CA ARG B 24 2.24 11.10 -13.36
C ARG B 24 3.18 11.20 -12.17
N ALA B 25 4.46 10.87 -12.39
CA ALA B 25 5.53 11.08 -11.42
C ALA B 25 6.03 12.52 -11.56
N SER B 26 6.45 13.11 -10.45
CA SER B 26 6.91 14.51 -10.44
C SER B 26 8.28 14.69 -11.10
N GLN B 27 8.96 13.57 -11.29
CA GLN B 27 10.18 13.51 -12.10
C GLN B 27 10.31 12.11 -12.71
N SER B 28 11.31 11.89 -13.55
CA SER B 28 11.46 10.61 -14.22
C SER B 28 11.77 9.49 -13.22
N ILE B 29 11.04 8.38 -13.35
CA ILE B 29 11.20 7.18 -12.49
C ILE B 29 11.44 5.92 -13.34
N SER B 30 11.91 6.10 -14.57
CA SER B 30 12.14 5.00 -15.49
C SER B 30 10.91 4.08 -15.49
N SER B 31 11.11 2.78 -15.21
CA SER B 31 10.05 1.78 -15.26
C SER B 31 9.59 1.38 -13.85
N TYR B 32 10.10 2.05 -12.83
CA TYR B 32 9.91 1.67 -11.42
C TYR B 32 8.59 2.18 -10.85
N LEU B 33 7.50 1.64 -11.40
CA LEU B 33 6.15 2.06 -11.07
C LEU B 33 5.30 0.80 -10.95
N ASN B 34 4.62 0.69 -9.81
CA ASN B 34 3.84 -0.47 -9.45
C ASN B 34 2.36 -0.09 -9.37
N TRP B 35 1.48 -0.99 -9.74
CA TRP B 35 0.04 -0.77 -9.60
C TRP B 35 -0.53 -1.77 -8.62
N TYR B 36 -1.22 -1.26 -7.62
CA TYR B 36 -1.86 -2.05 -6.59
C TYR B 36 -3.39 -1.89 -6.70
N GLN B 37 -4.09 -2.93 -6.25
CA GLN B 37 -5.53 -2.94 -6.16
C GLN B 37 -5.94 -3.16 -4.72
N GLN B 38 -6.82 -2.32 -4.20
CA GLN B 38 -7.31 -2.49 -2.85
C GLN B 38 -8.83 -2.51 -2.80
N LYS B 39 -9.38 -3.59 -2.27
CA LYS B 39 -10.79 -3.65 -1.99
C LYS B 39 -11.08 -3.22 -0.54
N PRO B 40 -12.29 -2.65 -0.28
CA PRO B 40 -12.55 -2.10 1.05
C PRO B 40 -12.39 -3.14 2.14
N GLY B 41 -11.66 -2.77 3.19
CA GLY B 41 -11.42 -3.66 4.32
C GLY B 41 -10.32 -4.66 4.07
N LYS B 42 -9.69 -4.61 2.88
CA LYS B 42 -8.60 -5.52 2.55
C LYS B 42 -7.30 -4.76 2.27
N ALA B 43 -6.20 -5.50 2.30
CA ALA B 43 -4.87 -4.91 2.07
C ALA B 43 -4.72 -4.73 0.58
N PRO B 44 -3.89 -3.76 0.15
CA PRO B 44 -3.52 -3.66 -1.26
C PRO B 44 -2.85 -4.92 -1.78
N LYS B 45 -3.15 -5.25 -3.02
CA LYS B 45 -2.53 -6.41 -3.65
C LYS B 45 -1.80 -5.93 -4.90
N LEU B 46 -0.56 -6.40 -5.09
CA LEU B 46 0.24 -5.96 -6.24
C LEU B 46 -0.31 -6.58 -7.52
N LEU B 47 -0.66 -5.76 -8.50
CA LEU B 47 -1.11 -6.28 -9.80
C LEU B 47 -0.04 -6.22 -10.87
N ILE B 48 0.65 -5.09 -10.95
CA ILE B 48 1.65 -4.84 -11.98
C ILE B 48 2.92 -4.27 -11.37
N TYR B 49 4.06 -4.86 -11.75
CA TYR B 49 5.39 -4.49 -11.23
C TYR B 49 6.18 -3.92 -12.41
N ASP B 50 7.08 -2.97 -12.14
CA ASP B 50 7.99 -2.45 -13.17
C ASP B 50 7.20 -1.94 -14.40
N ALA B 51 6.10 -1.25 -14.10
CA ALA B 51 5.23 -0.56 -15.07
C ALA B 51 4.31 -1.44 -15.93
N ASP B 52 4.75 -2.66 -16.28
CA ASP B 52 3.99 -3.49 -17.20
C ASP B 52 4.00 -5.01 -16.95
N ASP B 53 4.71 -5.49 -15.92
CA ASP B 53 4.77 -6.93 -15.65
C ASP B 53 3.62 -7.36 -14.75
N LEU B 54 2.66 -8.09 -15.33
CA LEU B 54 1.51 -8.61 -14.55
C LEU B 54 1.98 -9.68 -13.59
N GLN B 55 1.50 -9.62 -12.35
CA GLN B 55 1.85 -10.65 -11.37
C GLN B 55 1.04 -11.93 -11.59
N SER B 56 1.50 -13.04 -11.00
CA SER B 56 0.83 -14.34 -11.14
C SER B 56 -0.64 -14.23 -10.82
N GLY B 57 -1.47 -14.87 -11.64
CA GLY B 57 -2.93 -14.88 -11.41
C GLY B 57 -3.70 -13.64 -11.83
N VAL B 58 -2.98 -12.55 -12.15
CA VAL B 58 -3.62 -11.30 -12.58
C VAL B 58 -4.06 -11.52 -14.01
N PRO B 59 -5.37 -11.43 -14.24
CA PRO B 59 -5.89 -11.77 -15.57
C PRO B 59 -5.48 -10.76 -16.65
N SER B 60 -5.51 -11.24 -17.90
CA SER B 60 -5.03 -10.50 -19.06
C SER B 60 -5.82 -9.25 -19.40
N ARG B 61 -6.99 -9.09 -18.80
CA ARG B 61 -7.73 -7.85 -18.97
C ARG B 61 -6.99 -6.64 -18.35
N PHE B 62 -6.05 -6.88 -17.44
CA PHE B 62 -5.20 -5.82 -16.87
C PHE B 62 -3.94 -5.62 -17.70
N SER B 63 -3.61 -4.34 -17.96
CA SER B 63 -2.43 -3.94 -18.74
C SER B 63 -1.85 -2.67 -18.14
N GLY B 64 -0.53 -2.57 -18.12
CA GLY B 64 0.18 -1.35 -17.71
C GLY B 64 1.14 -0.89 -18.79
N SER B 65 1.30 0.42 -18.94
CA SER B 65 2.26 0.96 -19.89
C SER B 65 2.90 2.25 -19.37
N GLY B 66 3.99 2.64 -20.03
CA GLY B 66 4.67 3.87 -19.72
C GLY B 66 6.05 3.69 -19.11
N SER B 67 6.86 4.72 -19.27
CA SER B 67 8.17 4.85 -18.63
C SER B 67 8.46 6.34 -18.55
N GLY B 68 9.20 6.73 -17.53
CA GLY B 68 9.61 8.11 -17.36
C GLY B 68 8.69 8.80 -16.39
N THR B 69 7.78 9.64 -16.90
CA THR B 69 6.87 10.37 -16.02
C THR B 69 5.42 9.92 -16.08
N ASP B 70 4.95 9.48 -17.26
CA ASP B 70 3.52 9.23 -17.43
C ASP B 70 3.19 7.77 -17.62
N PHE B 71 2.30 7.27 -16.77
CA PHE B 71 1.94 5.84 -16.73
C PHE B 71 0.43 5.64 -16.83
N THR B 72 0.00 4.49 -17.36
CA THR B 72 -1.42 4.18 -17.53
C THR B 72 -1.76 2.74 -17.12
N LEU B 73 -2.83 2.58 -16.36
CA LEU B 73 -3.42 1.27 -16.12
C LEU B 73 -4.71 1.14 -16.93
N THR B 74 -4.84 0.06 -17.68
CA THR B 74 -6.07 -0.22 -18.44
C THR B 74 -6.67 -1.55 -18.05
N ILE B 75 -7.97 -1.53 -17.78
CA ILE B 75 -8.76 -2.74 -17.68
C ILE B 75 -9.66 -2.83 -18.95
N SER B 76 -9.48 -3.88 -19.76
CA SER B 76 -10.24 -4.17 -21.00
C SER B 76 -11.76 -4.14 -20.88
N SER B 77 -12.32 -5.03 -20.06
CA SER B 77 -13.75 -5.05 -19.75
C SER B 77 -13.91 -5.29 -18.26
N LEU B 78 -14.29 -4.25 -17.52
CA LEU B 78 -14.45 -4.36 -16.07
C LEU B 78 -15.36 -5.54 -15.66
N GLN B 79 -14.88 -6.37 -14.74
CA GLN B 79 -15.66 -7.49 -14.21
C GLN B 79 -16.10 -7.16 -12.77
N PRO B 80 -17.13 -7.88 -12.26
CA PRO B 80 -17.65 -7.51 -10.93
C PRO B 80 -16.57 -7.46 -9.84
N GLU B 81 -15.58 -8.33 -9.94
CA GLU B 81 -14.51 -8.40 -8.95
C GLU B 81 -13.50 -7.26 -9.05
N ASP B 82 -13.57 -6.47 -10.12
CA ASP B 82 -12.61 -5.37 -10.35
C ASP B 82 -12.95 -4.06 -9.63
N PHE B 83 -14.17 -3.94 -9.11
CA PHE B 83 -14.52 -2.76 -8.31
C PHE B 83 -13.64 -2.68 -7.08
N ALA B 84 -12.91 -1.57 -6.98
CA ALA B 84 -11.77 -1.46 -6.09
C ALA B 84 -11.16 -0.07 -6.24
N THR B 85 -10.23 0.27 -5.34
CA THR B 85 -9.38 1.43 -5.52
C THR B 85 -8.02 0.96 -6.05
N TYR B 86 -7.55 1.61 -7.12
CA TYR B 86 -6.26 1.31 -7.71
C TYR B 86 -5.27 2.43 -7.39
N TYR B 87 -4.10 2.03 -6.92
CA TYR B 87 -3.02 3.00 -6.62
C TYR B 87 -1.81 2.73 -7.47
N CYS B 88 -1.15 3.80 -7.93
CA CYS B 88 0.20 3.68 -8.45
CA CYS B 88 0.20 3.65 -8.43
C CYS B 88 1.17 3.96 -7.29
N GLN B 89 2.35 3.39 -7.37
CA GLN B 89 3.38 3.59 -6.36
C GLN B 89 4.73 3.58 -7.07
N GLN B 90 5.52 4.63 -6.85
CA GLN B 90 6.89 4.65 -7.38
C GLN B 90 7.86 3.97 -6.41
N SER B 91 8.78 3.20 -6.98
CA SER B 91 9.80 2.47 -6.22
C SER B 91 11.21 2.87 -6.70
N TYR B 92 11.31 4.07 -7.30
CA TYR B 92 12.54 4.62 -7.87
C TYR B 92 13.40 5.38 -6.85
N SER B 93 12.75 6.02 -5.89
CA SER B 93 13.40 6.81 -4.86
C SER B 93 12.84 6.40 -3.51
N THR B 94 13.64 6.55 -2.47
CA THR B 94 13.15 6.32 -1.11
C THR B 94 12.85 7.69 -0.47
N PRO B 95 11.71 7.83 0.22
CA PRO B 95 10.69 6.83 0.44
C PRO B 95 9.83 6.55 -0.79
N ASN B 96 9.47 5.28 -0.97
CA ASN B 96 8.50 4.93 -1.99
C ASN B 96 7.22 5.70 -1.68
N THR B 97 6.53 6.15 -2.72
CA THR B 97 5.33 6.96 -2.56
C THR B 97 4.17 6.48 -3.44
N PHE B 98 2.97 6.56 -2.88
CA PHE B 98 1.74 6.18 -3.58
C PHE B 98 1.06 7.41 -4.15
N GLY B 99 0.40 7.22 -5.27
CA GLY B 99 -0.61 8.15 -5.78
C GLY B 99 -1.84 8.15 -4.90
N GLN B 100 -2.73 9.12 -5.10
CA GLN B 100 -3.88 9.32 -4.17
C GLN B 100 -5.02 8.31 -4.44
N GLY B 101 -4.87 7.53 -5.49
CA GLY B 101 -5.82 6.48 -5.83
C GLY B 101 -6.88 6.88 -6.84
N THR B 102 -7.47 5.86 -7.47
CA THR B 102 -8.69 5.96 -8.24
C THR B 102 -9.68 4.93 -7.74
N LYS B 103 -10.81 5.40 -7.21
CA LYS B 103 -11.86 4.52 -6.76
C LYS B 103 -12.77 4.18 -7.93
N VAL B 104 -12.70 2.92 -8.38
CA VAL B 104 -13.61 2.41 -9.41
C VAL B 104 -14.79 1.77 -8.64
N GLU B 105 -15.97 2.39 -8.77
CA GLU B 105 -17.12 2.03 -7.95
C GLU B 105 -18.38 1.81 -8.79
N ILE B 106 -19.30 1.01 -8.27
CA ILE B 106 -20.56 0.74 -8.98
C ILE B 106 -21.38 2.01 -9.10
N LYS B 107 -22.07 2.14 -10.23
CA LYS B 107 -23.02 3.25 -10.48
C LYS B 107 -23.38 3.29 -11.97
#